data_5ZJT
#
_entry.id   5ZJT
#
_cell.length_a   45.440
_cell.length_b   45.630
_cell.length_c   66.860
_cell.angle_alpha   99.050
_cell.angle_beta   100.370
_cell.angle_gamma   114.180
#
_symmetry.space_group_name_H-M   'P 1'
#
loop_
_entity.id
_entity.type
_entity.pdbx_description
1 polymer 'Homeobox protein abdominal-B'
2 polymer 'Homeobox protein extradenticle'
3 polymer "DNA (5'-D(*GP*TP*CP*AP*TP*TP*TP*AP*TP*CP*AP*TP*GP*C)-3')"
4 polymer "DNA (5'-D(*GP*CP*AP*TP*GP*AP*TP*AP*AP*AP*TP*GP*AP*C)-3')"
5 water water
#
loop_
_entity_poly.entity_id
_entity_poly.type
_entity_poly.pdbx_seq_one_letter_code
_entity_poly.pdbx_strand_id
1 'polypeptide(L)'
;VGPCTPNPGLHEWTGQVSVRKKRKPYSKFQTLELEKEFLFNAYVSKQKRWELARNLQLTERQVKIWFQNRRMKNKKNSQR
QANQ
;
A,E
2 'polypeptide(L)' DARRKRRNFSKQASEILNEYFYSHLSNPYPSEEAKEELARKCGITVSQVSNWFGNKRIRYKKNIGKAQEEANLY B
3 'polydeoxyribonucleotide' (DG)(DT)(DC)(DA)(DT)(DT)(DT)(DA)(DT)(DC)(DA)(DT)(DG)(DC) C,H
4 'polydeoxyribonucleotide' (DG)(DC)(DA)(DT)(DG)(DA)(DT)(DA)(DA)(DA)(DT)(DG)(DA)(DC) D,G
#
# COMPACT_ATOMS: atom_id res chain seq x y z
N LEU A 10 -17.73 -10.22 -23.18
CA LEU A 10 -17.58 -10.63 -21.79
C LEU A 10 -16.76 -11.90 -21.67
N HIS A 11 -16.11 -12.08 -20.52
CA HIS A 11 -15.30 -13.25 -20.27
C HIS A 11 -15.81 -14.04 -19.07
N GLU A 12 -15.46 -15.32 -19.00
CA GLU A 12 -15.99 -16.21 -17.98
C GLU A 12 -15.45 -15.91 -16.58
N TRP A 13 -14.24 -15.38 -16.51
CA TRP A 13 -13.61 -15.12 -15.21
C TRP A 13 -14.30 -13.97 -14.48
N THR A 14 -14.95 -13.08 -15.23
CA THR A 14 -15.65 -11.95 -14.64
C THR A 14 -16.87 -12.40 -13.85
N GLY A 15 -17.43 -13.55 -14.24
CA GLY A 15 -18.60 -14.10 -13.57
C GLY A 15 -18.21 -15.04 -12.44
N LYS A 21 -19.03 -10.41 -0.14
CA LYS A 21 -20.05 -9.46 0.31
C LYS A 21 -20.42 -9.69 1.77
N LYS A 22 -20.34 -8.64 2.59
CA LYS A 22 -19.89 -7.32 2.15
C LYS A 22 -19.00 -6.73 3.24
N ARG A 23 -17.74 -6.44 2.89
CA ARG A 23 -16.77 -6.03 3.90
C ARG A 23 -17.10 -4.68 4.53
N LYS A 24 -16.80 -4.57 5.82
CA LYS A 24 -17.01 -3.34 6.57
C LYS A 24 -15.85 -3.13 7.53
N PRO A 25 -15.07 -2.05 7.30
CA PRO A 25 -13.89 -1.73 8.12
C PRO A 25 -14.22 -1.64 9.62
N TYR A 26 -13.43 -2.33 10.43
CA TYR A 26 -13.66 -2.37 11.86
C TYR A 26 -13.33 -1.03 12.52
N SER A 27 -13.88 -0.81 13.71
CA SER A 27 -13.64 0.43 14.44
C SER A 27 -12.24 0.43 15.05
N LYS A 28 -11.83 1.58 15.57
CA LYS A 28 -10.53 1.70 16.21
C LYS A 28 -10.43 0.81 17.44
N PHE A 29 -11.52 0.73 18.19
CA PHE A 29 -11.54 -0.09 19.40
C PHE A 29 -11.35 -1.57 19.09
N GLN A 30 -12.04 -2.05 18.07
CA GLN A 30 -11.95 -3.46 17.68
C GLN A 30 -10.53 -3.83 17.24
N THR A 31 -9.93 -2.98 16.41
CA THR A 31 -8.60 -3.24 15.87
C THR A 31 -7.54 -3.25 16.97
N LEU A 32 -7.62 -2.28 17.87
CA LEU A 32 -6.66 -2.16 18.97
C LEU A 32 -6.69 -3.39 19.88
N GLU A 33 -7.89 -3.85 20.21
CA GLU A 33 -8.04 -5.01 21.08
C GLU A 33 -7.58 -6.29 20.38
N LEU A 34 -7.88 -6.39 19.08
CA LEU A 34 -7.44 -7.54 18.30
C LEU A 34 -5.92 -7.55 18.15
N GLU A 35 -5.33 -6.37 18.03
CA GLU A 35 -3.88 -6.25 17.90
C GLU A 35 -3.20 -6.51 19.25
N LYS A 36 -3.83 -6.05 20.32
CA LYS A 36 -3.32 -6.26 21.67
C LYS A 36 -3.26 -7.75 22.00
N GLU A 37 -4.30 -8.47 21.62
CA GLU A 37 -4.36 -9.91 21.86
C GLU A 37 -3.36 -10.65 20.96
N PHE A 38 -3.16 -10.12 19.76
CA PHE A 38 -2.25 -10.73 18.80
C PHE A 38 -0.80 -10.67 19.29
N LEU A 39 -0.47 -9.64 20.06
CA LEU A 39 0.86 -9.50 20.64
C LEU A 39 1.13 -10.57 21.68
N PHE A 40 0.10 -10.92 22.46
CA PHE A 40 0.22 -12.00 23.43
C PHE A 40 0.47 -13.32 22.72
N ASN A 41 -0.39 -13.63 21.76
CA ASN A 41 -0.27 -14.86 20.97
C ASN A 41 -0.83 -14.68 19.57
N ALA A 42 -0.05 -15.04 18.57
CA ALA A 42 -0.46 -14.90 17.18
C ALA A 42 -1.57 -15.88 16.84
N TYR A 43 -1.63 -16.97 17.59
CA TYR A 43 -2.68 -17.97 17.42
C TYR A 43 -3.60 -17.97 18.63
N VAL A 44 -4.90 -18.02 18.38
CA VAL A 44 -5.89 -17.92 19.44
C VAL A 44 -6.79 -19.16 19.49
N SER A 45 -6.95 -19.71 20.69
CA SER A 45 -7.78 -20.89 20.90
C SER A 45 -9.26 -20.61 20.60
N LYS A 46 -10.07 -21.66 20.63
CA LYS A 46 -11.49 -21.54 20.35
C LYS A 46 -12.20 -20.73 21.43
N GLN A 47 -11.70 -20.85 22.66
CA GLN A 47 -12.31 -20.19 23.82
C GLN A 47 -12.07 -18.69 23.79
N LYS A 48 -10.81 -18.30 23.64
CA LYS A 48 -10.42 -16.89 23.60
C LYS A 48 -11.05 -16.20 22.39
N ARG A 49 -11.20 -16.96 21.31
CA ARG A 49 -11.82 -16.45 20.08
C ARG A 49 -13.28 -16.11 20.32
N TRP A 50 -13.96 -16.93 21.11
CA TRP A 50 -15.35 -16.67 21.49
C TRP A 50 -15.43 -15.48 22.44
N GLU A 51 -14.41 -15.35 23.28
CA GLU A 51 -14.34 -14.24 24.23
C GLU A 51 -14.16 -12.91 23.50
N LEU A 52 -13.29 -12.90 22.48
CA LEU A 52 -13.04 -11.71 21.69
C LEU A 52 -14.26 -11.36 20.83
N ALA A 53 -14.94 -12.39 20.32
CA ALA A 53 -16.12 -12.19 19.50
C ALA A 53 -17.23 -11.51 20.29
N ARG A 54 -17.42 -11.94 21.54
CA ARG A 54 -18.44 -11.38 22.41
C ARG A 54 -18.09 -9.96 22.85
N ASN A 55 -16.81 -9.73 23.15
CA ASN A 55 -16.36 -8.44 23.64
C ASN A 55 -16.23 -7.38 22.55
N LEU A 56 -15.90 -7.80 21.34
CA LEU A 56 -15.64 -6.86 20.26
C LEU A 56 -16.75 -6.84 19.22
N GLN A 57 -17.90 -7.39 19.58
CA GLN A 57 -19.10 -7.37 18.73
C GLN A 57 -18.84 -7.99 17.36
N LEU A 58 -18.17 -9.13 17.34
CA LEU A 58 -17.89 -9.84 16.10
C LEU A 58 -18.33 -11.29 16.20
N THR A 59 -18.26 -12.01 15.09
CA THR A 59 -18.51 -13.44 15.09
C THR A 59 -17.20 -14.18 15.35
N GLU A 60 -17.30 -15.44 15.74
CA GLU A 60 -16.10 -16.24 15.98
C GLU A 60 -15.31 -16.45 14.70
N ARG A 61 -16.02 -16.52 13.58
CA ARG A 61 -15.37 -16.65 12.28
C ARG A 61 -14.59 -15.39 11.92
N GLN A 62 -15.19 -14.23 12.18
CA GLN A 62 -14.54 -12.95 11.91
C GLN A 62 -13.24 -12.81 12.69
N VAL A 63 -13.26 -13.19 13.96
CA VAL A 63 -12.05 -13.15 14.79
C VAL A 63 -11.03 -14.15 14.24
N LYS A 64 -11.50 -15.33 13.87
CA LYS A 64 -10.65 -16.35 13.25
C LYS A 64 -9.99 -15.82 11.98
N ILE A 65 -10.79 -15.24 11.10
CA ILE A 65 -10.29 -14.70 9.84
C ILE A 65 -9.31 -13.55 10.06
N TRP A 66 -9.60 -12.71 11.04
CA TRP A 66 -8.74 -11.56 11.34
C TRP A 66 -7.32 -11.99 11.72
N PHE A 67 -7.22 -12.99 12.58
CA PHE A 67 -5.91 -13.47 13.02
C PHE A 67 -5.16 -14.16 11.88
N GLN A 68 -5.91 -14.77 10.96
CA GLN A 68 -5.31 -15.40 9.80
C GLN A 68 -4.71 -14.34 8.86
N ASN A 69 -5.46 -13.28 8.62
CA ASN A 69 -4.98 -12.17 7.80
C ASN A 69 -3.84 -11.43 8.48
N ARG A 70 -3.92 -11.31 9.80
CA ARG A 70 -2.91 -10.60 10.57
C ARG A 70 -1.56 -11.29 10.51
N ARG A 71 -1.58 -12.63 10.60
CA ARG A 71 -0.35 -13.41 10.53
C ARG A 71 0.31 -13.29 9.15
N MET A 72 -0.51 -13.26 8.10
CA MET A 72 0.00 -13.09 6.75
C MET A 72 0.63 -11.72 6.57
N LYS A 73 -0.01 -10.70 7.15
CA LYS A 73 0.53 -9.35 7.14
C LYS A 73 1.85 -9.29 7.92
N ASN A 74 1.92 -10.07 8.99
CA ASN A 74 3.12 -10.11 9.83
C ASN A 74 4.29 -10.75 9.11
N LYS A 75 3.99 -11.67 8.20
CA LYS A 75 5.02 -12.34 7.41
C LYS A 75 5.52 -11.46 6.27
N LYS A 76 4.59 -10.73 5.65
CA LYS A 76 4.92 -9.86 4.53
C LYS A 76 5.80 -8.69 4.95
N ASN A 77 5.73 -8.32 6.22
CA ASN A 77 6.56 -7.24 6.76
C ASN A 77 7.92 -7.75 7.21
N ARG B 3 4.51 2.95 5.20
CA ARG B 3 3.41 2.16 4.69
C ARG B 3 2.56 2.97 3.71
N ARG B 4 2.30 2.37 2.55
CA ARG B 4 1.50 3.00 1.49
C ARG B 4 2.07 4.36 1.08
N LYS B 5 3.37 4.37 0.76
CA LYS B 5 3.99 5.55 0.18
C LYS B 5 3.81 5.50 -1.33
N ARG B 6 2.56 5.67 -1.76
CA ARG B 6 2.16 5.42 -3.14
C ARG B 6 2.89 6.29 -4.16
N ARG B 7 3.43 5.65 -5.20
CA ARG B 7 4.05 6.33 -6.31
C ARG B 7 3.71 5.60 -7.61
N ASN B 8 3.19 6.34 -8.58
CA ASN B 8 2.78 5.75 -9.85
C ASN B 8 3.94 5.09 -10.59
N PHE B 9 3.70 3.91 -11.12
CA PHE B 9 4.72 3.16 -11.87
C PHE B 9 5.05 3.88 -13.17
N SER B 10 6.10 3.40 -13.84
CA SER B 10 6.51 3.98 -15.12
C SER B 10 5.41 3.83 -16.16
N LYS B 11 5.31 4.79 -17.07
CA LYS B 11 4.30 4.75 -18.13
C LYS B 11 4.51 3.53 -19.02
N GLN B 12 5.77 3.18 -19.26
CA GLN B 12 6.11 2.00 -20.04
C GLN B 12 5.76 0.73 -19.28
N ALA B 13 5.94 0.77 -17.97
CA ALA B 13 5.64 -0.37 -17.11
C ALA B 13 4.14 -0.67 -17.12
N SER B 14 3.33 0.39 -17.15
CA SER B 14 1.88 0.26 -17.21
C SER B 14 1.45 -0.35 -18.54
N GLU B 15 2.16 0.01 -19.60
CA GLU B 15 1.87 -0.51 -20.93
C GLU B 15 2.19 -1.99 -21.01
N ILE B 16 3.26 -2.40 -20.32
CA ILE B 16 3.64 -3.81 -20.27
C ILE B 16 2.60 -4.63 -19.51
N LEU B 17 2.16 -4.12 -18.36
CA LEU B 17 1.15 -4.79 -17.55
C LEU B 17 -0.19 -4.84 -18.29
N ASN B 18 -0.53 -3.75 -18.97
CA ASN B 18 -1.75 -3.69 -19.76
C ASN B 18 -1.69 -4.61 -20.98
N GLU B 19 -0.50 -4.76 -21.55
CA GLU B 19 -0.32 -5.64 -22.69
C GLU B 19 -0.64 -7.08 -22.33
N TYR B 20 -0.07 -7.54 -21.22
CA TYR B 20 -0.29 -8.91 -20.75
C TYR B 20 -1.75 -9.13 -20.35
N PHE B 21 -2.35 -8.11 -19.75
CA PHE B 21 -3.73 -8.21 -19.26
C PHE B 21 -4.73 -8.40 -20.40
N TYR B 22 -4.67 -7.53 -21.39
CA TYR B 22 -5.64 -7.55 -22.48
C TYR B 22 -5.35 -8.65 -23.50
N SER B 23 -4.10 -9.09 -23.57
CA SER B 23 -3.74 -10.21 -24.44
C SER B 23 -4.19 -11.52 -23.81
N HIS B 24 -4.18 -11.57 -22.49
CA HIS B 24 -4.62 -12.74 -21.76
C HIS B 24 -5.93 -12.45 -21.03
N LEU B 25 -6.84 -11.75 -21.71
CA LEU B 25 -8.11 -11.37 -21.09
C LEU B 25 -9.03 -12.56 -20.89
N SER B 26 -8.75 -13.64 -21.62
CA SER B 26 -9.52 -14.87 -21.46
C SER B 26 -9.15 -15.55 -20.13
N ASN B 27 -7.91 -15.36 -19.72
CA ASN B 27 -7.41 -15.90 -18.45
C ASN B 27 -6.36 -14.98 -17.83
N PRO B 28 -6.82 -13.88 -17.22
CA PRO B 28 -5.93 -12.83 -16.68
C PRO B 28 -5.31 -13.20 -15.34
N TYR B 29 -4.82 -14.43 -15.22
CA TYR B 29 -4.20 -14.88 -13.99
C TYR B 29 -2.82 -15.45 -14.28
N PRO B 30 -1.79 -14.58 -14.26
CA PRO B 30 -0.40 -14.97 -14.53
C PRO B 30 0.16 -15.90 -13.46
N SER B 31 0.97 -16.86 -13.89
CA SER B 31 1.61 -17.79 -12.96
C SER B 31 2.69 -17.09 -12.15
N GLU B 32 3.30 -17.81 -11.22
CA GLU B 32 4.36 -17.27 -10.40
C GLU B 32 5.55 -16.86 -11.27
N GLU B 33 5.91 -17.71 -12.22
CA GLU B 33 7.01 -17.44 -13.13
C GLU B 33 6.68 -16.27 -14.06
N ALA B 34 5.40 -16.14 -14.40
CA ALA B 34 4.96 -15.06 -15.27
C ALA B 34 4.98 -13.72 -14.55
N LYS B 35 4.68 -13.75 -13.26
CA LYS B 35 4.71 -12.53 -12.44
C LYS B 35 6.13 -12.03 -12.24
N GLU B 36 7.08 -12.97 -12.19
CA GLU B 36 8.49 -12.63 -12.02
C GLU B 36 9.03 -11.92 -13.26
N GLU B 37 8.64 -12.41 -14.44
CA GLU B 37 9.07 -11.83 -15.70
C GLU B 37 8.53 -10.41 -15.86
N LEU B 38 7.27 -10.21 -15.45
CA LEU B 38 6.64 -8.91 -15.52
C LEU B 38 7.27 -7.95 -14.52
N ALA B 39 7.68 -8.47 -13.37
CA ALA B 39 8.29 -7.67 -12.32
C ALA B 39 9.65 -7.12 -12.75
N ARG B 40 10.37 -7.91 -13.55
CA ARG B 40 11.70 -7.51 -14.01
C ARG B 40 11.61 -6.47 -15.11
N LYS B 41 10.61 -6.60 -15.99
CA LYS B 41 10.44 -5.67 -17.09
C LYS B 41 9.92 -4.32 -16.61
N CYS B 42 9.11 -4.35 -15.56
CA CYS B 42 8.50 -3.14 -15.02
C CYS B 42 9.39 -2.48 -13.97
N GLY B 43 10.32 -3.26 -13.41
CA GLY B 43 11.20 -2.76 -12.38
C GLY B 43 10.54 -2.74 -11.02
N ILE B 44 9.39 -3.41 -10.91
CA ILE B 44 8.66 -3.48 -9.65
C ILE B 44 8.79 -4.86 -9.03
N THR B 45 8.23 -5.03 -7.84
CA THR B 45 8.28 -6.32 -7.15
C THR B 45 7.10 -7.20 -7.58
N VAL B 46 7.18 -8.49 -7.26
CA VAL B 46 6.13 -9.43 -7.63
C VAL B 46 4.86 -9.16 -6.83
N SER B 47 5.01 -8.61 -5.63
CA SER B 47 3.88 -8.26 -4.79
C SER B 47 3.11 -7.10 -5.39
N GLN B 48 3.83 -6.19 -6.05
CA GLN B 48 3.23 -5.05 -6.72
C GLN B 48 2.56 -5.49 -8.01
N VAL B 49 3.07 -6.57 -8.59
CA VAL B 49 2.47 -7.14 -9.80
C VAL B 49 1.11 -7.76 -9.46
N SER B 50 1.06 -8.50 -8.36
CA SER B 50 -0.17 -9.13 -7.90
C SER B 50 -1.21 -8.09 -7.52
N ASN B 51 -0.75 -6.98 -6.94
CA ASN B 51 -1.65 -5.90 -6.56
C ASN B 51 -2.26 -5.21 -7.79
N TRP B 52 -1.44 -5.05 -8.82
CA TRP B 52 -1.89 -4.40 -10.05
C TRP B 52 -2.96 -5.23 -10.76
N PHE B 53 -2.71 -6.53 -10.87
CA PHE B 53 -3.67 -7.44 -11.50
C PHE B 53 -4.95 -7.56 -10.66
N GLY B 54 -4.79 -7.51 -9.35
CA GLY B 54 -5.92 -7.55 -8.44
C GLY B 54 -6.79 -6.32 -8.59
N ASN B 55 -6.15 -5.17 -8.79
CA ASN B 55 -6.85 -3.92 -9.00
C ASN B 55 -7.44 -3.82 -10.40
N LYS B 56 -6.71 -4.35 -11.38
CA LYS B 56 -7.13 -4.24 -12.77
C LYS B 56 -8.38 -5.08 -13.05
N ARG B 57 -8.42 -6.29 -12.50
CA ARG B 57 -9.52 -7.22 -12.77
C ARG B 57 -10.87 -6.71 -12.25
N ILE B 58 -10.87 -6.05 -11.10
CA ILE B 58 -12.10 -5.54 -10.51
C ILE B 58 -12.52 -4.22 -11.18
N ARG B 59 -11.54 -3.42 -11.57
CA ARG B 59 -11.81 -2.14 -12.19
C ARG B 59 -12.16 -2.29 -13.68
N TYR B 60 -11.66 -3.36 -14.28
CA TYR B 60 -12.05 -3.70 -15.65
C TYR B 60 -13.50 -4.16 -15.65
N LYS B 61 -13.83 -5.06 -14.73
CA LYS B 61 -15.19 -5.57 -14.58
C LYS B 61 -16.14 -4.43 -14.21
N LYS B 62 -15.63 -3.46 -13.45
CA LYS B 62 -16.40 -2.28 -13.10
C LYS B 62 -16.68 -1.42 -14.33
N ASN B 63 -15.67 -1.25 -15.17
CA ASN B 63 -15.80 -0.41 -16.36
C ASN B 63 -16.55 -1.09 -17.50
N ILE B 64 -16.97 -2.34 -17.30
CA ILE B 64 -17.73 -3.06 -18.31
C ILE B 64 -19.10 -2.44 -18.51
N GLY B 65 -19.37 -1.96 -19.72
CA GLY B 65 -18.41 -2.01 -20.81
C GLY B 65 -18.47 -0.78 -21.69
N LYS B 66 -17.43 0.05 -21.63
CA LYS B 66 -17.38 1.27 -22.43
C LYS B 66 -16.20 1.26 -23.42
N ALA B 67 -15.01 1.56 -22.93
CA ALA B 67 -13.82 1.65 -23.78
C ALA B 67 -12.87 0.48 -23.55
N GLN B 68 -13.27 -0.44 -22.68
CA GLN B 68 -12.46 -1.62 -22.40
C GLN B 68 -12.43 -2.56 -23.61
N GLU B 69 -13.47 -2.49 -24.42
CA GLU B 69 -13.55 -3.29 -25.65
C GLU B 69 -12.49 -2.81 -26.64
N GLU B 70 -12.27 -1.51 -26.67
CA GLU B 70 -11.23 -0.91 -27.51
C GLU B 70 -9.85 -1.34 -27.03
N ALA B 71 -9.67 -1.39 -25.71
CA ALA B 71 -8.38 -1.70 -25.11
C ALA B 71 -8.03 -3.18 -25.24
N ASN B 72 -8.95 -3.97 -25.79
CA ASN B 72 -8.71 -5.39 -26.00
C ASN B 72 -7.94 -5.64 -27.31
N LEU B 73 -7.29 -4.60 -27.80
CA LEU B 73 -6.52 -4.69 -29.03
C LEU B 73 -5.01 -4.72 -28.75
N TYR B 74 -4.67 -4.81 -27.48
CA TYR B 74 -3.27 -4.90 -27.06
C TYR B 74 -2.63 -6.20 -27.54
N LYS E 21 7.11 31.25 20.46
CA LYS E 21 7.79 30.40 19.49
C LYS E 21 7.13 29.03 19.41
N LYS E 22 5.81 29.00 19.38
CA LYS E 22 5.06 27.76 19.33
C LYS E 22 5.27 27.03 18.00
N ARG E 23 5.45 25.72 18.08
CA ARG E 23 5.66 24.90 16.89
C ARG E 23 4.41 24.86 16.03
N LYS E 24 4.60 24.68 14.73
CA LYS E 24 3.48 24.59 13.79
C LYS E 24 3.58 23.31 12.97
N PRO E 25 2.64 22.38 13.19
CA PRO E 25 2.57 21.12 12.45
C PRO E 25 2.47 21.35 10.94
N TYR E 26 3.44 20.86 10.19
CA TYR E 26 3.46 21.05 8.74
C TYR E 26 2.27 20.35 8.09
N SER E 27 1.87 20.84 6.92
CA SER E 27 0.75 20.25 6.20
C SER E 27 1.11 18.88 5.65
N LYS E 28 0.10 18.15 5.20
CA LYS E 28 0.31 16.83 4.62
C LYS E 28 1.11 16.92 3.34
N PHE E 29 0.96 18.04 2.63
CA PHE E 29 1.69 18.28 1.39
C PHE E 29 3.17 18.52 1.67
N GLN E 30 3.47 19.34 2.67
CA GLN E 30 4.85 19.66 3.03
C GLN E 30 5.61 18.43 3.48
N THR E 31 4.97 17.61 4.30
CA THR E 31 5.59 16.40 4.86
C THR E 31 5.95 15.39 3.77
N LEU E 32 5.01 15.15 2.86
CA LEU E 32 5.21 14.16 1.79
C LEU E 32 6.30 14.58 0.82
N GLU E 33 6.32 15.87 0.49
CA GLU E 33 7.33 16.39 -0.43
C GLU E 33 8.73 16.33 0.18
N LEU E 34 8.81 16.65 1.47
CA LEU E 34 10.07 16.56 2.19
C LEU E 34 10.51 15.10 2.34
N GLU E 35 9.53 14.22 2.47
CA GLU E 35 9.79 12.79 2.65
C GLU E 35 10.32 12.17 1.35
N LYS E 36 9.69 12.51 0.24
CA LYS E 36 10.10 11.98 -1.06
C LYS E 36 11.50 12.46 -1.44
N GLU E 37 11.82 13.69 -1.04
CA GLU E 37 13.15 14.23 -1.27
C GLU E 37 14.17 13.53 -0.39
N PHE E 38 13.75 13.15 0.82
CA PHE E 38 14.61 12.44 1.75
C PHE E 38 14.95 11.04 1.24
N LEU E 39 13.98 10.40 0.61
CA LEU E 39 14.20 9.08 0.03
C LEU E 39 15.18 9.16 -1.12
N PHE E 40 15.14 10.27 -1.85
CA PHE E 40 16.09 10.52 -2.94
C PHE E 40 17.49 10.72 -2.38
N ASN E 41 17.60 11.61 -1.40
CA ASN E 41 18.87 11.83 -0.70
C ASN E 41 18.63 12.30 0.73
N ALA E 42 19.19 11.58 1.69
CA ALA E 42 18.98 11.88 3.10
C ALA E 42 19.63 13.20 3.49
N TYR E 43 20.67 13.58 2.77
CA TYR E 43 21.32 14.87 2.98
C TYR E 43 20.98 15.81 1.83
N VAL E 44 20.64 17.05 2.17
CA VAL E 44 20.14 18.00 1.19
C VAL E 44 21.18 19.09 0.88
N SER E 45 21.34 19.39 -0.40
CA SER E 45 22.23 20.47 -0.84
C SER E 45 21.69 21.82 -0.41
N LYS E 46 22.54 22.85 -0.48
CA LYS E 46 22.14 24.19 -0.10
C LYS E 46 21.14 24.73 -1.11
N GLN E 47 21.34 24.37 -2.38
CA GLN E 47 20.45 24.76 -3.46
C GLN E 47 19.09 24.08 -3.34
N LYS E 48 19.11 22.76 -3.13
CA LYS E 48 17.89 21.98 -2.97
C LYS E 48 17.11 22.44 -1.74
N ARG E 49 17.84 22.86 -0.71
CA ARG E 49 17.23 23.35 0.51
C ARG E 49 16.49 24.65 0.25
N TRP E 50 16.99 25.43 -0.70
CA TRP E 50 16.35 26.68 -1.10
C TRP E 50 15.11 26.41 -1.94
N GLU E 51 15.20 25.42 -2.82
CA GLU E 51 14.09 25.05 -3.68
C GLU E 51 12.90 24.52 -2.88
N LEU E 52 13.20 23.62 -1.93
CA LEU E 52 12.16 23.05 -1.08
C LEU E 52 11.48 24.14 -0.24
N ALA E 53 12.29 25.07 0.25
CA ALA E 53 11.78 26.19 1.04
C ALA E 53 10.77 27.02 0.25
N ARG E 54 11.13 27.31 -1.00
CA ARG E 54 10.25 28.07 -1.89
C ARG E 54 9.01 27.27 -2.28
N ASN E 55 9.21 25.99 -2.57
CA ASN E 55 8.11 25.13 -3.01
C ASN E 55 7.15 24.74 -1.91
N LEU E 56 7.66 24.61 -0.68
CA LEU E 56 6.85 24.11 0.41
C LEU E 56 6.55 25.17 1.47
N GLN E 57 6.75 26.43 1.08
CA GLN E 57 6.42 27.57 1.93
C GLN E 57 7.11 27.50 3.29
N LEU E 58 8.37 27.09 3.29
CA LEU E 58 9.15 27.00 4.52
C LEU E 58 10.39 27.88 4.41
N THR E 59 11.11 28.02 5.52
CA THR E 59 12.39 28.72 5.50
C THR E 59 13.50 27.72 5.22
N GLU E 60 14.63 28.20 4.73
CA GLU E 60 15.79 27.34 4.48
C GLU E 60 16.28 26.72 5.78
N ARG E 61 15.98 27.39 6.89
CA ARG E 61 16.34 26.89 8.22
C ARG E 61 15.43 25.76 8.65
N GLN E 62 14.14 25.89 8.38
CA GLN E 62 13.16 24.85 8.72
C GLN E 62 13.42 23.57 7.95
N VAL E 63 13.77 23.71 6.67
CA VAL E 63 14.08 22.56 5.84
C VAL E 63 15.35 21.86 6.36
N LYS E 64 16.32 22.67 6.78
CA LYS E 64 17.57 22.15 7.33
C LYS E 64 17.31 21.32 8.58
N ILE E 65 16.49 21.86 9.47
CA ILE E 65 16.14 21.19 10.72
C ILE E 65 15.33 19.92 10.47
N TRP E 66 14.42 19.98 9.50
CA TRP E 66 13.56 18.83 9.19
C TRP E 66 14.39 17.62 8.78
N PHE E 67 15.42 17.83 7.98
CA PHE E 67 16.28 16.75 7.53
C PHE E 67 17.17 16.23 8.66
N GLN E 68 17.39 17.06 9.67
CA GLN E 68 18.16 16.65 10.84
C GLN E 68 17.32 15.74 11.73
N ASN E 69 16.06 16.13 11.96
CA ASN E 69 15.13 15.32 12.74
C ASN E 69 14.82 14.00 12.03
N ARG E 70 14.62 14.06 10.72
CA ARG E 70 14.26 12.90 9.93
C ARG E 70 15.36 11.84 9.94
N ARG E 71 16.62 12.28 9.87
CA ARG E 71 17.75 11.37 9.91
C ARG E 71 17.86 10.68 11.27
N MET E 72 17.55 11.42 12.33
CA MET E 72 17.56 10.86 13.67
C MET E 72 16.42 9.88 13.85
N LYS E 73 15.26 10.22 13.28
CA LYS E 73 14.11 9.32 13.28
C LYS E 73 14.43 8.05 12.49
N ASN E 74 15.19 8.22 11.41
CA ASN E 74 15.59 7.10 10.57
C ASN E 74 16.53 6.16 11.30
N LYS E 75 17.30 6.70 12.23
CA LYS E 75 18.22 5.89 13.03
C LYS E 75 17.51 5.24 14.21
N LYS E 76 16.51 5.94 14.76
CA LYS E 76 15.73 5.42 15.88
C LYS E 76 15.01 4.14 15.51
N ASN E 77 14.48 4.10 14.29
CA ASN E 77 13.76 2.92 13.80
C ASN E 77 14.68 1.76 13.48
N SER E 78 15.33 1.22 14.50
CA SER E 78 16.25 0.11 14.34
C SER E 78 16.45 -0.64 15.65
#